data_2E8X
#
_entry.id   2E8X
#
_cell.length_a   47.090
_cell.length_b   116.597
_cell.length_c   128.318
_cell.angle_alpha   90.00
_cell.angle_beta   90.00
_cell.angle_gamma   90.00
#
_symmetry.space_group_name_H-M   'P 21 21 21'
#
loop_
_entity.id
_entity.type
_entity.pdbx_description
1 polymer 'Geranylgeranyl pyrophosphate synthetase'
2 non-polymer 'MAGNESIUM ION'
3 non-polymer 'GERANYL DIPHOSPHATE'
4 water water
#
_entity_poly.entity_id   1
_entity_poly.type   'polypeptide(L)'
_entity_poly.pdbx_seq_one_letter_code
;MTKNKMEAKIDELINNDPVWSSQNESLISKPYNHILLKPGKNFRLNLIVQINRVMNLPKDQLAIVSQIVELLHNSSLLID
DIEDNAPLRRGQTTSHLIFGVPSTINTANYMYFRAMQLVSQLTTKEPLYHNLITIFNEELINLHRGQGLDIYWRDFLPEI
IPTQEMYLNMVMNKTGGLFRLTLRLMEALSPSSHHGHSLVPFINLLGIIYQIRDDYLNLKDFQMSSEKGFAEDITEGKLS
FPIVHALNFTKTKGQTEQHNEILRILLLRTSDKDIKLKLIQILEFDTNSLAYTKNFINQLVNMIKNDNENKYLPDLASHS
DTATNLHDELLYIIDHLSEL
;
_entity_poly.pdbx_strand_id   A,B
#
loop_
_chem_comp.id
_chem_comp.type
_chem_comp.name
_chem_comp.formula
GPP non-polymer 'GERANYL DIPHOSPHATE' 'C10 H20 O7 P2'
MG non-polymer 'MAGNESIUM ION' 'Mg 2'
#
# COMPACT_ATOMS: atom_id res chain seq x y z
N ASN A 4 -5.22 39.02 -8.41
CA ASN A 4 -6.63 38.54 -8.33
C ASN A 4 -6.80 37.27 -9.13
N LYS A 5 -6.55 37.32 -10.43
CA LYS A 5 -6.74 36.13 -11.27
C LYS A 5 -6.13 34.88 -10.63
N MET A 6 -5.03 35.04 -9.90
CA MET A 6 -4.38 33.89 -9.25
C MET A 6 -5.22 33.47 -8.05
N GLU A 7 -5.60 34.48 -7.24
CA GLU A 7 -6.41 34.29 -6.03
C GLU A 7 -7.79 33.74 -6.41
N ALA A 8 -8.28 34.19 -7.56
CA ALA A 8 -9.57 33.75 -8.07
C ALA A 8 -9.42 32.31 -8.51
N LYS A 9 -8.27 32.01 -9.14
CA LYS A 9 -8.02 30.66 -9.61
C LYS A 9 -7.78 29.72 -8.45
N ILE A 10 -7.11 30.20 -7.40
CA ILE A 10 -6.89 29.37 -6.22
C ILE A 10 -8.25 29.17 -5.56
N ASP A 11 -9.09 30.19 -5.61
CA ASP A 11 -10.40 30.09 -5.03
C ASP A 11 -11.30 29.14 -5.78
N GLU A 12 -11.22 29.08 -7.11
CA GLU A 12 -12.10 28.12 -7.76
C GLU A 12 -11.62 26.68 -7.39
N LEU A 13 -10.30 26.49 -7.43
CA LEU A 13 -9.69 25.20 -7.10
C LEU A 13 -10.08 24.64 -5.71
N ILE A 14 -9.82 25.42 -4.66
CA ILE A 14 -10.10 24.96 -3.32
C ILE A 14 -11.59 24.76 -3.00
N ASN A 15 -12.45 25.32 -3.83
CA ASN A 15 -13.88 25.17 -3.60
C ASN A 15 -14.49 24.10 -4.48
N ASN A 16 -13.66 23.24 -5.02
CA ASN A 16 -14.13 22.16 -5.87
C ASN A 16 -13.52 20.84 -5.52
N ASP A 17 -14.15 19.79 -6.04
CA ASP A 17 -13.60 18.46 -5.83
C ASP A 17 -12.30 18.39 -6.61
N PRO A 18 -11.34 17.54 -6.17
CA PRO A 18 -10.05 17.43 -6.88
C PRO A 18 -10.31 17.03 -8.33
N VAL A 19 -9.60 17.64 -9.26
CA VAL A 19 -9.77 17.33 -10.67
C VAL A 19 -9.08 16.02 -11.01
N TRP A 20 -9.82 15.07 -11.57
CA TRP A 20 -9.26 13.79 -12.02
C TRP A 20 -9.87 13.42 -13.38
N SER A 21 -9.05 13.16 -14.40
CA SER A 21 -9.58 12.80 -15.72
C SER A 21 -9.39 11.30 -16.07
N SER A 22 -10.15 10.83 -17.07
CA SER A 22 -10.03 9.47 -17.57
C SER A 22 -8.63 9.27 -18.18
N GLN A 23 -8.02 10.35 -18.66
CA GLN A 23 -6.66 10.26 -19.20
C GLN A 23 -5.77 9.83 -18.03
N ASN A 24 -5.88 10.56 -16.93
CA ASN A 24 -5.09 10.30 -15.72
C ASN A 24 -5.34 8.88 -15.23
N GLU A 25 -6.61 8.53 -15.15
CA GLU A 25 -7.05 7.23 -14.69
C GLU A 25 -6.30 6.20 -15.54
N SER A 26 -6.34 6.41 -16.85
CA SER A 26 -5.68 5.58 -17.80
C SER A 26 -4.18 5.51 -17.47
N LEU A 27 -3.51 6.65 -17.39
CA LEU A 27 -2.08 6.59 -17.07
C LEU A 27 -1.76 5.83 -15.78
N ILE A 28 -2.57 5.97 -14.73
CA ILE A 28 -2.15 5.24 -13.56
C ILE A 28 -2.63 3.80 -13.47
N SER A 29 -3.37 3.34 -14.48
CA SER A 29 -3.85 1.94 -14.45
C SER A 29 -2.90 0.99 -15.19
N LYS A 30 -1.85 1.54 -15.82
CA LYS A 30 -0.86 0.77 -16.57
C LYS A 30 -0.37 -0.47 -15.86
N PRO A 31 0.14 -0.33 -14.62
CA PRO A 31 0.62 -1.58 -13.99
C PRO A 31 -0.44 -2.70 -13.88
N TYR A 32 -1.66 -2.31 -13.57
CA TYR A 32 -2.73 -3.23 -13.38
C TYR A 32 -3.22 -3.81 -14.71
N ASN A 33 -3.42 -2.96 -15.71
CA ASN A 33 -3.85 -3.51 -16.99
C ASN A 33 -2.84 -4.58 -17.49
N HIS A 34 -1.56 -4.39 -17.22
CA HIS A 34 -0.60 -5.38 -17.68
C HIS A 34 -0.86 -6.74 -17.07
N ILE A 35 -1.16 -6.82 -15.79
CA ILE A 35 -1.37 -8.14 -15.19
C ILE A 35 -2.69 -8.82 -15.58
N LEU A 36 -3.65 -8.05 -16.11
CA LEU A 36 -4.94 -8.57 -16.55
C LEU A 36 -4.72 -9.56 -17.70
N LEU A 37 -3.65 -9.38 -18.47
CA LEU A 37 -3.37 -10.30 -19.58
C LEU A 37 -3.30 -11.77 -19.13
N LYS A 38 -2.52 -12.03 -18.08
CA LYS A 38 -2.35 -13.37 -17.47
C LYS A 38 -3.69 -14.13 -17.25
N PRO A 39 -3.67 -15.48 -17.35
CA PRO A 39 -4.87 -16.30 -17.16
C PRO A 39 -5.28 -16.69 -15.71
N GLY A 40 -6.11 -17.73 -15.59
CA GLY A 40 -6.60 -18.21 -14.29
C GLY A 40 -7.96 -17.62 -13.89
N LYS A 41 -8.28 -16.47 -14.47
CA LYS A 41 -9.51 -15.72 -14.20
C LYS A 41 -10.80 -16.52 -14.26
N ASN A 42 -10.86 -17.52 -15.11
CA ASN A 42 -12.07 -18.31 -15.23
C ASN A 42 -12.26 -19.34 -14.12
N PHE A 43 -11.19 -19.92 -13.61
CA PHE A 43 -11.30 -20.90 -12.54
C PHE A 43 -11.80 -20.21 -11.26
N ARG A 44 -11.32 -18.99 -11.02
CA ARG A 44 -11.76 -18.22 -9.85
C ARG A 44 -13.27 -17.95 -9.99
N LEU A 45 -13.70 -17.67 -11.21
CA LEU A 45 -15.11 -17.42 -11.48
C LEU A 45 -15.81 -18.76 -11.33
N ASN A 46 -15.13 -19.79 -11.84
CA ASN A 46 -15.69 -21.14 -11.79
C ASN A 46 -15.87 -21.55 -10.34
N LEU A 47 -14.90 -21.17 -9.51
CA LEU A 47 -14.98 -21.47 -8.07
C LEU A 47 -16.13 -20.61 -7.45
N ILE A 48 -16.25 -19.35 -7.89
CA ILE A 48 -17.29 -18.44 -7.40
C ILE A 48 -18.64 -18.99 -7.83
N VAL A 49 -18.65 -19.53 -9.04
CA VAL A 49 -19.84 -20.10 -9.64
C VAL A 49 -20.31 -21.39 -8.95
N GLN A 50 -19.37 -22.27 -8.66
CA GLN A 50 -19.69 -23.52 -8.01
C GLN A 50 -20.26 -23.26 -6.64
N ILE A 51 -19.56 -22.43 -5.88
CA ILE A 51 -20.03 -22.11 -4.57
C ILE A 51 -21.43 -21.53 -4.65
N ASN A 52 -21.70 -20.76 -5.71
CA ASN A 52 -23.03 -20.16 -5.81
C ASN A 52 -24.17 -21.16 -5.98
N ARG A 53 -23.87 -22.36 -6.50
CA ARG A 53 -24.90 -23.39 -6.64
C ARG A 53 -25.47 -23.59 -5.24
N VAL A 54 -24.66 -23.27 -4.24
CA VAL A 54 -25.05 -23.38 -2.85
C VAL A 54 -25.60 -22.08 -2.29
N MET A 55 -24.95 -20.98 -2.63
CA MET A 55 -25.32 -19.66 -2.12
C MET A 55 -26.53 -18.95 -2.75
N ASN A 56 -26.88 -19.33 -3.98
CA ASN A 56 -28.01 -18.74 -4.72
C ASN A 56 -28.02 -17.21 -4.75
N LEU A 57 -26.92 -16.61 -5.21
CA LEU A 57 -26.86 -15.15 -5.34
C LEU A 57 -27.36 -14.82 -6.73
N PRO A 58 -28.06 -13.68 -6.89
CA PRO A 58 -28.53 -13.32 -8.22
C PRO A 58 -27.29 -12.98 -9.05
N LYS A 59 -27.34 -13.21 -10.35
CA LYS A 59 -26.20 -12.93 -11.18
C LYS A 59 -25.64 -11.52 -11.19
N ASP A 60 -26.45 -10.50 -10.90
CA ASP A 60 -25.98 -9.10 -10.83
C ASP A 60 -24.93 -8.99 -9.76
N GLN A 61 -25.35 -9.36 -8.56
CA GLN A 61 -24.52 -9.36 -7.37
C GLN A 61 -23.30 -10.28 -7.53
N LEU A 62 -23.49 -11.46 -8.11
CA LEU A 62 -22.39 -12.38 -8.30
C LEU A 62 -21.27 -11.68 -9.08
N ALA A 63 -21.66 -10.91 -10.10
CA ALA A 63 -20.70 -10.20 -10.94
C ALA A 63 -19.88 -9.19 -10.16
N ILE A 64 -20.54 -8.51 -9.23
CA ILE A 64 -19.84 -7.53 -8.44
C ILE A 64 -18.90 -8.22 -7.43
N VAL A 65 -19.28 -9.40 -6.95
CA VAL A 65 -18.36 -10.08 -6.04
C VAL A 65 -17.14 -10.51 -6.84
N SER A 66 -17.34 -10.96 -8.06
CA SER A 66 -16.21 -11.40 -8.86
C SER A 66 -15.25 -10.22 -9.08
N GLN A 67 -15.79 -9.07 -9.50
CA GLN A 67 -15.01 -7.88 -9.72
C GLN A 67 -14.21 -7.49 -8.48
N ILE A 68 -14.84 -7.59 -7.32
CA ILE A 68 -14.18 -7.21 -6.11
C ILE A 68 -12.96 -8.11 -5.88
N VAL A 69 -13.22 -9.39 -5.85
CA VAL A 69 -12.25 -10.43 -5.66
C VAL A 69 -11.11 -10.37 -6.72
N GLU A 70 -11.43 -10.14 -7.99
CA GLU A 70 -10.38 -10.07 -9.02
C GLU A 70 -9.48 -8.90 -8.73
N LEU A 71 -10.05 -7.75 -8.38
CA LEU A 71 -9.22 -6.60 -8.08
C LEU A 71 -8.30 -6.85 -6.89
N LEU A 72 -8.84 -7.42 -5.83
CA LEU A 72 -8.05 -7.71 -4.65
C LEU A 72 -6.93 -8.67 -4.95
N HIS A 73 -7.24 -9.73 -5.70
CA HIS A 73 -6.26 -10.77 -6.08
C HIS A 73 -5.16 -10.24 -6.97
N ASN A 74 -5.51 -9.60 -8.09
CA ASN A 74 -4.50 -9.07 -8.98
C ASN A 74 -3.56 -8.05 -8.32
N SER A 75 -4.12 -7.22 -7.44
CA SER A 75 -3.35 -6.19 -6.76
C SER A 75 -2.38 -6.84 -5.82
N SER A 76 -2.90 -7.86 -5.11
CA SER A 76 -2.12 -8.70 -4.20
C SER A 76 -0.95 -9.25 -4.98
N LEU A 77 -1.19 -9.69 -6.23
CA LEU A 77 -0.12 -10.30 -7.00
C LEU A 77 0.93 -9.30 -7.42
N LEU A 78 0.50 -8.11 -7.82
CA LEU A 78 1.40 -7.00 -8.19
C LEU A 78 2.39 -6.70 -7.05
N ILE A 79 1.84 -6.63 -5.85
CA ILE A 79 2.65 -6.32 -4.68
C ILE A 79 3.53 -7.53 -4.33
N ASP A 80 2.88 -8.69 -4.27
CA ASP A 80 3.61 -9.88 -3.92
C ASP A 80 4.84 -10.07 -4.82
N ASP A 81 4.72 -9.80 -6.11
CA ASP A 81 5.88 -9.93 -6.97
C ASP A 81 6.98 -8.88 -6.67
N ILE A 82 6.61 -7.74 -6.10
CA ILE A 82 7.64 -6.75 -5.78
C ILE A 82 8.35 -7.34 -4.55
N GLU A 83 7.54 -7.75 -3.59
CA GLU A 83 7.99 -8.32 -2.33
C GLU A 83 8.86 -9.54 -2.49
N ASP A 84 8.56 -10.32 -3.53
CA ASP A 84 9.29 -11.55 -3.81
C ASP A 84 10.41 -11.40 -4.86
N ASN A 85 10.60 -10.19 -5.39
CA ASN A 85 11.59 -9.94 -6.40
C ASN A 85 11.38 -10.94 -7.62
N ALA A 86 10.12 -11.11 -8.00
CA ALA A 86 9.78 -12.01 -9.06
C ALA A 86 9.93 -11.37 -10.45
N PRO A 87 10.67 -12.02 -11.36
CA PRO A 87 10.88 -11.53 -12.73
C PRO A 87 9.71 -11.88 -13.65
N LEU A 88 8.95 -12.91 -13.31
CA LEU A 88 7.84 -13.35 -14.17
C LEU A 88 6.58 -13.78 -13.45
N ARG A 89 5.44 -13.70 -14.12
CA ARG A 89 4.17 -14.11 -13.52
C ARG A 89 3.33 -14.68 -14.68
N ARG A 90 2.91 -15.95 -14.58
CA ARG A 90 2.18 -16.57 -15.69
C ARG A 90 3.00 -16.36 -16.97
N GLY A 91 4.28 -16.78 -16.94
CA GLY A 91 5.13 -16.60 -18.10
C GLY A 91 5.34 -15.21 -18.72
N GLN A 92 4.90 -14.15 -18.07
CA GLN A 92 5.10 -12.80 -18.58
C GLN A 92 5.93 -11.93 -17.60
N THR A 93 6.58 -10.86 -18.09
CA THR A 93 7.39 -9.98 -17.25
C THR A 93 6.48 -9.29 -16.24
N THR A 94 6.91 -9.24 -15.00
CA THR A 94 6.15 -8.60 -13.95
C THR A 94 6.04 -7.05 -14.13
N SER A 95 4.90 -6.47 -13.80
CA SER A 95 4.75 -5.04 -13.96
C SER A 95 5.88 -4.17 -13.40
N HIS A 96 6.38 -4.51 -12.22
CA HIS A 96 7.39 -3.64 -11.60
C HIS A 96 8.66 -3.52 -12.40
N LEU A 97 9.01 -4.57 -13.15
CA LEU A 97 10.16 -4.50 -14.01
C LEU A 97 9.87 -3.66 -15.28
N ILE A 98 8.59 -3.48 -15.63
CA ILE A 98 8.24 -2.72 -16.81
C ILE A 98 7.98 -1.27 -16.43
N PHE A 99 7.08 -1.05 -15.47
CA PHE A 99 6.69 0.33 -15.08
C PHE A 99 7.40 0.88 -13.86
N GLY A 100 8.19 0.05 -13.21
CA GLY A 100 8.91 0.47 -12.02
C GLY A 100 8.16 0.08 -10.74
N VAL A 101 8.92 -0.13 -9.65
CA VAL A 101 8.34 -0.45 -8.35
C VAL A 101 7.39 0.67 -7.81
N PRO A 102 7.76 1.97 -7.99
CA PRO A 102 6.89 3.03 -7.46
C PRO A 102 5.46 3.02 -8.04
N SER A 103 5.34 3.11 -9.36
CA SER A 103 4.00 3.06 -9.97
C SER A 103 3.23 1.77 -9.70
N THR A 104 3.95 0.64 -9.57
CA THR A 104 3.28 -0.65 -9.37
C THR A 104 2.72 -0.73 -7.96
N ILE A 105 3.50 -0.27 -6.97
CA ILE A 105 3.05 -0.22 -5.59
C ILE A 105 1.86 0.76 -5.53
N ASN A 106 2.02 1.92 -6.12
CA ASN A 106 0.89 2.86 -5.99
C ASN A 106 -0.39 2.35 -6.67
N THR A 107 -0.27 1.87 -7.90
CA THR A 107 -1.46 1.39 -8.56
C THR A 107 -2.12 0.23 -7.86
N ALA A 108 -1.33 -0.75 -7.39
CA ALA A 108 -1.92 -1.91 -6.70
C ALA A 108 -2.74 -1.42 -5.48
N ASN A 109 -2.13 -0.55 -4.67
CA ASN A 109 -2.79 0.00 -3.47
C ASN A 109 -4.05 0.80 -3.88
N TYR A 110 -3.92 1.60 -4.95
CA TYR A 110 -5.08 2.31 -5.49
C TYR A 110 -6.25 1.31 -5.74
N MET A 111 -5.94 0.17 -6.36
CA MET A 111 -6.94 -0.79 -6.69
C MET A 111 -7.56 -1.43 -5.48
N TYR A 112 -6.81 -1.54 -4.36
CA TYR A 112 -7.42 -2.09 -3.13
C TYR A 112 -8.66 -1.23 -2.75
N PHE A 113 -8.45 0.09 -2.78
CA PHE A 113 -9.51 1.03 -2.46
C PHE A 113 -10.63 1.11 -3.54
N ARG A 114 -10.33 0.77 -4.79
CA ARG A 114 -11.39 0.80 -5.79
C ARG A 114 -12.26 -0.40 -5.45
N ALA A 115 -11.64 -1.45 -4.94
CA ALA A 115 -12.37 -2.68 -4.58
C ALA A 115 -13.28 -2.41 -3.40
N MET A 116 -12.76 -1.72 -2.41
CA MET A 116 -13.53 -1.39 -1.26
C MET A 116 -14.73 -0.55 -1.71
N GLN A 117 -14.51 0.37 -2.64
CA GLN A 117 -15.57 1.24 -3.18
C GLN A 117 -16.70 0.43 -3.83
N LEU A 118 -16.36 -0.67 -4.46
CA LEU A 118 -17.35 -1.53 -5.09
C LEU A 118 -18.25 -2.27 -4.06
N VAL A 119 -17.81 -2.43 -2.82
CA VAL A 119 -18.65 -3.16 -1.85
C VAL A 119 -19.99 -2.44 -1.72
N SER A 120 -20.00 -1.12 -1.84
CA SER A 120 -21.30 -0.43 -1.70
C SER A 120 -22.27 -0.64 -2.86
N GLN A 121 -21.84 -1.31 -3.92
CA GLN A 121 -22.72 -1.62 -5.01
C GLN A 121 -23.43 -2.94 -4.73
N LEU A 122 -23.18 -3.55 -3.57
CA LEU A 122 -23.78 -4.83 -3.28
C LEU A 122 -25.16 -4.78 -2.62
N THR A 123 -25.47 -3.69 -1.93
CA THR A 123 -26.78 -3.52 -1.28
C THR A 123 -27.08 -2.05 -1.09
N THR A 124 -28.29 -1.78 -0.62
CA THR A 124 -28.73 -0.44 -0.30
C THR A 124 -29.21 -0.52 1.16
N LYS A 125 -28.94 -1.67 1.80
CA LYS A 125 -29.31 -1.92 3.19
C LYS A 125 -28.12 -1.78 4.16
N GLU A 126 -28.16 -0.73 5.00
CA GLU A 126 -27.13 -0.39 5.95
C GLU A 126 -26.65 -1.48 6.89
N PRO A 127 -27.57 -2.25 7.47
CA PRO A 127 -27.10 -3.32 8.36
C PRO A 127 -26.16 -4.30 7.61
N LEU A 128 -26.62 -4.78 6.45
CA LEU A 128 -25.84 -5.70 5.64
C LEU A 128 -24.52 -5.04 5.20
N TYR A 129 -24.61 -3.84 4.65
CA TYR A 129 -23.44 -3.09 4.19
C TYR A 129 -22.33 -3.20 5.20
N HIS A 130 -22.66 -2.84 6.42
CA HIS A 130 -21.73 -2.87 7.52
C HIS A 130 -21.09 -4.25 7.70
N ASN A 131 -21.85 -5.30 7.47
CA ASN A 131 -21.28 -6.63 7.63
C ASN A 131 -20.27 -6.90 6.54
N LEU A 132 -20.66 -6.59 5.30
CA LEU A 132 -19.83 -6.81 4.14
C LEU A 132 -18.49 -6.09 4.27
N ILE A 133 -18.54 -4.83 4.70
CA ILE A 133 -17.32 -4.05 4.88
C ILE A 133 -16.40 -4.66 5.90
N THR A 134 -16.99 -5.18 6.97
CA THR A 134 -16.27 -5.79 8.05
C THR A 134 -15.55 -7.03 7.53
N ILE A 135 -16.26 -7.84 6.75
CA ILE A 135 -15.70 -9.05 6.18
C ILE A 135 -14.49 -8.67 5.33
N PHE A 136 -14.73 -7.72 4.43
CA PHE A 136 -13.72 -7.16 3.52
C PHE A 136 -12.53 -6.72 4.35
N ASN A 137 -12.82 -5.95 5.39
CA ASN A 137 -11.78 -5.43 6.26
C ASN A 137 -11.00 -6.55 6.98
N GLU A 138 -11.74 -7.48 7.59
CA GLU A 138 -11.11 -8.54 8.34
C GLU A 138 -10.20 -9.45 7.57
N GLU A 139 -10.62 -9.84 6.37
CA GLU A 139 -9.84 -10.77 5.60
C GLU A 139 -8.58 -10.12 5.03
N LEU A 140 -8.69 -8.86 4.61
CA LEU A 140 -7.57 -8.08 4.13
C LEU A 140 -6.59 -7.92 5.32
N ILE A 141 -7.10 -7.69 6.54
CA ILE A 141 -6.17 -7.67 7.68
C ILE A 141 -5.51 -9.07 7.74
N ASN A 142 -6.27 -10.17 7.62
CA ASN A 142 -5.65 -11.52 7.70
C ASN A 142 -4.62 -11.76 6.62
N LEU A 143 -5.01 -11.41 5.40
CA LEU A 143 -4.11 -11.54 4.30
C LEU A 143 -2.74 -10.87 4.60
N HIS A 144 -2.75 -9.64 5.13
CA HIS A 144 -1.48 -8.95 5.38
C HIS A 144 -0.72 -9.54 6.53
N ARG A 145 -1.43 -10.10 7.51
CA ARG A 145 -0.71 -10.73 8.65
C ARG A 145 0.09 -11.93 8.11
N GLY A 146 -0.61 -12.72 7.29
CA GLY A 146 -0.04 -13.92 6.69
C GLY A 146 1.19 -13.57 5.87
N GLN A 147 0.98 -12.67 4.91
CA GLN A 147 2.05 -12.18 4.04
C GLN A 147 3.23 -11.64 4.89
N GLY A 148 2.90 -10.94 5.96
CA GLY A 148 3.91 -10.38 6.86
C GLY A 148 4.84 -11.43 7.46
N LEU A 149 4.30 -12.60 7.85
CA LEU A 149 5.15 -13.67 8.41
C LEU A 149 5.97 -14.36 7.31
N ASP A 150 5.31 -14.63 6.20
CA ASP A 150 5.99 -15.29 5.11
C ASP A 150 7.24 -14.43 4.70
N ILE A 151 7.06 -13.10 4.59
CA ILE A 151 8.14 -12.21 4.18
C ILE A 151 9.18 -12.14 5.31
N TYR A 152 8.74 -11.89 6.55
CA TYR A 152 9.65 -11.78 7.67
C TYR A 152 10.52 -13.05 7.86
N TRP A 153 9.89 -14.21 8.02
CA TRP A 153 10.66 -15.44 8.20
C TRP A 153 11.72 -15.53 7.11
N ARG A 154 11.31 -15.23 5.88
CA ARG A 154 12.27 -15.34 4.78
C ARG A 154 13.40 -14.31 4.75
N ASP A 155 13.08 -13.05 4.96
CA ASP A 155 14.08 -12.05 4.88
C ASP A 155 15.04 -11.97 6.08
N PHE A 156 14.66 -12.59 7.19
CA PHE A 156 15.44 -12.57 8.42
C PHE A 156 15.94 -13.92 8.84
N LEU A 157 15.73 -14.90 7.96
CA LEU A 157 16.21 -16.27 8.21
C LEU A 157 17.72 -16.14 8.57
N PRO A 158 18.22 -16.92 9.53
CA PRO A 158 17.62 -17.94 10.37
C PRO A 158 17.07 -17.44 11.72
N GLU A 159 16.72 -16.15 11.81
CA GLU A 159 16.17 -15.61 13.06
C GLU A 159 15.03 -16.48 13.57
N ILE A 160 14.13 -16.82 12.67
CA ILE A 160 13.04 -17.68 13.08
C ILE A 160 12.91 -18.86 12.13
N ILE A 161 12.95 -20.07 12.69
CA ILE A 161 12.77 -21.29 11.95
C ILE A 161 11.33 -21.69 12.28
N PRO A 162 10.41 -21.51 11.32
CA PRO A 162 9.02 -21.89 11.62
C PRO A 162 8.80 -23.36 11.74
N THR A 163 7.85 -23.73 12.59
CA THR A 163 7.47 -25.12 12.72
C THR A 163 6.32 -25.31 11.72
N GLN A 164 5.90 -26.56 11.59
CA GLN A 164 4.80 -26.93 10.73
C GLN A 164 3.55 -26.21 11.22
N GLU A 165 3.33 -26.23 12.53
CA GLU A 165 2.15 -25.57 13.09
C GLU A 165 2.19 -24.08 12.75
N MET A 166 3.38 -23.45 12.86
CA MET A 166 3.51 -22.03 12.52
C MET A 166 3.23 -21.73 11.02
N TYR A 167 3.73 -22.59 10.15
CA TYR A 167 3.53 -22.44 8.71
C TYR A 167 2.01 -22.46 8.40
N LEU A 168 1.30 -23.44 8.98
CA LEU A 168 -0.16 -23.61 8.79
C LEU A 168 -0.94 -22.39 9.33
N ASN A 169 -0.45 -21.79 10.41
CA ASN A 169 -1.12 -20.60 10.92
C ASN A 169 -0.94 -19.45 9.89
N MET A 170 0.29 -19.31 9.38
CA MET A 170 0.62 -18.31 8.36
C MET A 170 -0.31 -18.50 7.11
N VAL A 171 -0.40 -19.73 6.66
CA VAL A 171 -1.25 -20.09 5.51
C VAL A 171 -2.77 -19.82 5.72
N MET A 172 -3.26 -20.06 6.93
CA MET A 172 -4.66 -19.78 7.28
C MET A 172 -4.93 -18.26 7.14
N ASN A 173 -3.93 -17.44 7.47
CA ASN A 173 -4.11 -16.02 7.32
C ASN A 173 -3.95 -15.62 5.86
N LYS A 174 -2.78 -15.94 5.31
CA LYS A 174 -2.37 -15.59 3.96
C LYS A 174 -3.23 -16.18 2.85
N THR A 175 -3.20 -17.50 2.70
CA THR A 175 -3.99 -18.07 1.62
C THR A 175 -5.47 -18.08 2.00
N GLY A 176 -5.79 -18.52 3.22
CA GLY A 176 -7.17 -18.52 3.68
C GLY A 176 -7.86 -17.14 3.53
N GLY A 177 -7.12 -16.05 3.75
CA GLY A 177 -7.69 -14.74 3.60
C GLY A 177 -8.56 -14.54 2.35
N LEU A 178 -8.04 -14.73 1.14
CA LEU A 178 -8.87 -14.51 -0.07
C LEU A 178 -10.01 -15.55 -0.26
N PHE A 179 -9.73 -16.82 0.10
CA PHE A 179 -10.72 -17.87 -0.01
C PHE A 179 -11.90 -17.49 0.87
N ARG A 180 -11.65 -17.22 2.15
CA ARG A 180 -12.69 -16.85 3.10
C ARG A 180 -13.36 -15.53 2.69
N LEU A 181 -12.63 -14.57 2.11
CA LEU A 181 -13.23 -13.29 1.69
C LEU A 181 -14.41 -13.55 0.76
N THR A 182 -14.14 -14.27 -0.32
CA THR A 182 -15.16 -14.59 -1.31
C THR A 182 -16.34 -15.30 -0.65
N LEU A 183 -16.05 -16.44 -0.04
CA LEU A 183 -17.08 -17.21 0.62
C LEU A 183 -17.87 -16.41 1.67
N ARG A 184 -17.22 -15.69 2.59
CA ARG A 184 -18.03 -15.00 3.60
C ARG A 184 -18.96 -13.92 3.02
N LEU A 185 -18.51 -13.22 1.97
CA LEU A 185 -19.33 -12.18 1.33
C LEU A 185 -20.51 -12.89 0.67
N MET A 186 -20.26 -13.99 -0.01
CA MET A 186 -21.33 -14.74 -0.64
C MET A 186 -22.30 -15.26 0.45
N GLU A 187 -21.77 -15.87 1.51
CA GLU A 187 -22.62 -16.32 2.57
C GLU A 187 -23.46 -15.20 3.21
N ALA A 188 -23.01 -13.95 3.17
CA ALA A 188 -23.79 -12.87 3.79
C ALA A 188 -24.84 -12.33 2.83
N LEU A 189 -24.67 -12.61 1.55
CA LEU A 189 -25.57 -12.17 0.53
C LEU A 189 -26.57 -13.27 0.13
N SER A 190 -26.51 -14.41 0.80
CA SER A 190 -27.39 -15.50 0.46
C SER A 190 -28.81 -15.29 0.96
N PRO A 191 -29.80 -15.38 0.04
CA PRO A 191 -31.20 -15.20 0.40
C PRO A 191 -31.71 -16.60 0.72
N SER A 192 -30.79 -17.55 0.59
CA SER A 192 -31.06 -18.97 0.82
C SER A 192 -31.10 -19.30 2.30
N SER A 198 -21.76 -23.18 7.81
CA SER A 198 -20.88 -22.39 6.87
C SER A 198 -19.95 -23.30 6.05
N LEU A 199 -19.39 -22.79 4.97
CA LEU A 199 -18.45 -23.56 4.19
C LEU A 199 -17.04 -22.99 4.49
N VAL A 200 -16.94 -22.20 5.55
CA VAL A 200 -15.66 -21.61 5.91
C VAL A 200 -14.58 -22.68 6.15
N PRO A 201 -14.85 -23.68 7.01
CA PRO A 201 -13.86 -24.74 7.30
C PRO A 201 -13.37 -25.39 6.00
N PHE A 202 -14.32 -25.75 5.15
CA PHE A 202 -14.02 -26.37 3.86
C PHE A 202 -13.15 -25.43 3.00
N ILE A 203 -13.47 -24.14 3.04
CA ILE A 203 -12.70 -23.20 2.26
C ILE A 203 -11.31 -23.05 2.87
N ASN A 204 -11.21 -23.20 4.21
CA ASN A 204 -9.93 -23.11 4.88
C ASN A 204 -9.08 -24.33 4.44
N LEU A 205 -9.67 -25.52 4.43
CA LEU A 205 -8.92 -26.75 4.02
C LEU A 205 -8.54 -26.66 2.53
N LEU A 206 -9.42 -26.08 1.75
CA LEU A 206 -9.14 -25.92 0.36
C LEU A 206 -7.93 -24.98 0.21
N GLY A 207 -7.90 -23.92 1.01
CA GLY A 207 -6.77 -23.01 0.94
C GLY A 207 -5.43 -23.67 1.29
N ILE A 208 -5.43 -24.46 2.37
CA ILE A 208 -4.23 -25.14 2.86
C ILE A 208 -3.76 -26.18 1.82
N ILE A 209 -4.68 -26.96 1.29
CA ILE A 209 -4.35 -27.93 0.26
C ILE A 209 -3.79 -27.08 -0.90
N TYR A 210 -4.46 -25.98 -1.18
CA TYR A 210 -3.98 -25.17 -2.27
C TYR A 210 -2.51 -24.77 -2.05
N GLN A 211 -2.21 -24.20 -0.89
CA GLN A 211 -0.88 -23.74 -0.62
C GLN A 211 0.21 -24.81 -0.57
N ILE A 212 -0.03 -25.90 0.14
CA ILE A 212 0.96 -26.95 0.23
C ILE A 212 1.22 -27.65 -1.13
N ARG A 213 0.18 -27.83 -1.93
CA ARG A 213 0.37 -28.45 -3.21
C ARG A 213 1.16 -27.50 -4.11
N ASP A 214 0.90 -26.21 -4.00
CA ASP A 214 1.61 -25.23 -4.79
C ASP A 214 3.09 -25.31 -4.41
N ASP A 215 3.40 -25.28 -3.11
CA ASP A 215 4.78 -25.35 -2.64
C ASP A 215 5.45 -26.61 -3.15
N TYR A 216 4.74 -27.72 -3.00
CA TYR A 216 5.26 -29.01 -3.40
C TYR A 216 5.59 -29.20 -4.88
N LEU A 217 4.74 -28.69 -5.77
CA LEU A 217 4.95 -28.86 -7.20
C LEU A 217 6.05 -27.95 -7.74
N ASN A 218 6.26 -26.82 -7.05
CA ASN A 218 7.30 -25.92 -7.46
C ASN A 218 8.62 -26.69 -7.45
N LEU A 219 8.86 -27.51 -6.43
CA LEU A 219 10.07 -28.28 -6.38
C LEU A 219 10.00 -29.53 -7.23
N LYS A 220 8.89 -30.27 -7.14
CA LYS A 220 8.75 -31.52 -7.87
C LYS A 220 8.81 -31.33 -9.39
N ASP A 221 8.16 -30.30 -9.90
CA ASP A 221 8.14 -30.02 -11.32
C ASP A 221 9.58 -29.95 -11.91
N PHE A 222 10.42 -29.17 -11.23
CA PHE A 222 11.82 -28.94 -11.58
C PHE A 222 12.65 -30.21 -11.35
N GLN A 223 12.38 -30.97 -10.29
CA GLN A 223 13.13 -32.19 -10.05
C GLN A 223 12.90 -33.07 -11.28
N MET A 224 11.66 -33.02 -11.81
CA MET A 224 11.25 -33.76 -13.00
C MET A 224 11.65 -33.10 -14.35
N SER A 225 11.73 -31.76 -14.39
CA SER A 225 12.15 -31.04 -15.61
C SER A 225 13.02 -29.81 -15.35
N LYS A 228 9.98 -27.75 -17.05
CA LYS A 228 8.63 -27.76 -16.50
C LYS A 228 8.40 -26.64 -15.51
N GLY A 229 9.44 -26.35 -14.73
CA GLY A 229 9.40 -25.27 -13.74
C GLY A 229 10.78 -24.73 -13.44
N PHE A 230 10.85 -23.61 -12.73
CA PHE A 230 12.13 -23.00 -12.37
C PHE A 230 12.50 -23.24 -10.90
N ALA A 231 11.58 -23.75 -10.10
CA ALA A 231 11.81 -23.94 -8.66
C ALA A 231 12.24 -22.58 -8.12
N GLU A 232 11.53 -21.54 -8.56
CA GLU A 232 11.81 -20.15 -8.17
C GLU A 232 11.62 -19.97 -6.67
N ASP A 233 10.91 -20.88 -6.00
CA ASP A 233 10.76 -20.73 -4.56
C ASP A 233 12.13 -20.77 -3.88
N ILE A 234 13.08 -21.58 -4.39
CA ILE A 234 14.43 -21.69 -3.80
C ILE A 234 15.13 -20.39 -4.01
N THR A 235 15.07 -19.87 -5.23
CA THR A 235 15.66 -18.57 -5.56
C THR A 235 15.10 -17.49 -4.64
N GLU A 236 13.79 -17.57 -4.33
CA GLU A 236 13.18 -16.57 -3.45
C GLU A 236 13.66 -16.78 -1.96
N GLY A 237 13.92 -18.02 -1.57
CA GLY A 237 14.36 -18.27 -0.19
C GLY A 237 13.18 -18.51 0.77
N LYS A 238 12.04 -18.74 0.17
CA LYS A 238 10.75 -19.01 0.81
C LYS A 238 10.72 -20.11 1.88
N LEU A 239 10.05 -19.87 3.02
CA LEU A 239 9.90 -20.99 4.01
C LEU A 239 8.64 -21.81 3.57
N SER A 240 8.82 -22.61 2.52
CA SER A 240 7.76 -23.45 1.95
C SER A 240 7.43 -24.65 2.87
N PHE A 241 6.32 -25.34 2.61
CA PHE A 241 6.00 -26.51 3.43
C PHE A 241 7.14 -27.56 3.35
N PRO A 242 7.65 -27.93 2.16
CA PRO A 242 8.74 -28.95 2.21
C PRO A 242 10.03 -28.45 2.94
N ILE A 243 10.42 -27.20 2.70
CA ILE A 243 11.57 -26.58 3.41
C ILE A 243 11.35 -26.56 4.96
N VAL A 244 10.16 -26.20 5.43
CA VAL A 244 9.89 -26.17 6.86
C VAL A 244 10.03 -27.62 7.40
N HIS A 245 9.54 -28.63 6.66
CA HIS A 245 9.68 -29.98 7.17
C HIS A 245 11.19 -30.35 7.26
N ALA A 246 11.93 -30.10 6.19
CA ALA A 246 13.36 -30.42 6.16
C ALA A 246 14.13 -29.72 7.30
N LEU A 247 13.82 -28.44 7.54
CA LEU A 247 14.56 -27.72 8.57
C LEU A 247 14.32 -28.25 10.02
N ASN A 248 13.07 -28.62 10.32
CA ASN A 248 12.77 -29.17 11.64
C ASN A 248 13.25 -30.62 11.72
N PHE A 249 13.12 -31.38 10.64
CA PHE A 249 13.60 -32.74 10.61
C PHE A 249 15.12 -32.75 10.92
N THR A 250 15.88 -31.91 10.20
CA THR A 250 17.31 -31.84 10.38
C THR A 250 17.69 -31.46 11.82
N LYS A 251 17.08 -30.41 12.34
CA LYS A 251 17.34 -29.97 13.72
C LYS A 251 17.12 -31.16 14.68
N THR A 252 15.90 -31.70 14.62
CA THR A 252 15.50 -32.79 15.51
C THR A 252 16.36 -34.04 15.41
N LYS A 253 16.71 -34.44 14.18
CA LYS A 253 17.54 -35.62 13.98
C LYS A 253 19.02 -35.31 14.15
N GLY A 254 19.37 -34.10 14.62
CA GLY A 254 20.76 -33.71 14.75
C GLY A 254 21.62 -33.68 13.46
N GLN A 255 21.04 -33.30 12.31
CA GLN A 255 21.80 -33.23 11.09
C GLN A 255 22.26 -31.82 10.94
N THR A 256 23.28 -31.45 11.70
CA THR A 256 23.78 -30.08 11.71
C THR A 256 24.22 -29.50 10.39
N GLU A 257 25.11 -30.21 9.71
CA GLU A 257 25.65 -29.84 8.44
C GLU A 257 24.51 -29.64 7.44
N GLN A 258 23.62 -30.62 7.34
CA GLN A 258 22.50 -30.49 6.38
C GLN A 258 21.57 -29.31 6.72
N HIS A 259 21.21 -29.14 8.00
CA HIS A 259 20.34 -28.04 8.44
C HIS A 259 21.02 -26.72 7.97
N ASN A 260 22.31 -26.60 8.20
CA ASN A 260 23.05 -25.45 7.80
C ASN A 260 23.18 -25.28 6.30
N GLU A 261 23.34 -26.37 5.55
CA GLU A 261 23.47 -26.25 4.11
C GLU A 261 22.10 -25.78 3.56
N ILE A 262 20.99 -26.25 4.13
CA ILE A 262 19.67 -25.81 3.68
C ILE A 262 19.56 -24.29 3.87
N LEU A 263 19.92 -23.80 5.07
CA LEU A 263 19.90 -22.36 5.31
C LEU A 263 20.80 -21.60 4.34
N ARG A 264 22.02 -22.07 4.18
CA ARG A 264 22.98 -21.43 3.30
C ARG A 264 22.42 -21.33 1.90
N ILE A 265 21.88 -22.41 1.36
CA ILE A 265 21.38 -22.35 0.00
C ILE A 265 20.21 -21.36 -0.12
N LEU A 266 19.30 -21.38 0.85
CA LEU A 266 18.16 -20.45 0.85
C LEU A 266 18.64 -19.00 0.84
N LEU A 267 19.67 -18.74 1.62
CA LEU A 267 20.21 -17.38 1.74
C LEU A 267 21.06 -16.91 0.54
N LEU A 268 21.44 -17.81 -0.35
CA LEU A 268 22.12 -17.41 -1.58
C LEU A 268 21.15 -16.65 -2.57
N ARG A 269 19.86 -16.91 -2.52
CA ARG A 269 18.91 -16.32 -3.50
C ARG A 269 19.52 -16.66 -4.89
N THR A 270 19.88 -17.91 -5.07
CA THR A 270 20.52 -18.36 -6.30
C THR A 270 19.59 -18.82 -7.41
N SER A 271 20.04 -18.63 -8.64
CA SER A 271 19.28 -19.10 -9.78
C SER A 271 20.04 -20.24 -10.43
N ASP A 272 21.11 -20.71 -9.76
CA ASP A 272 21.90 -21.82 -10.31
C ASP A 272 21.10 -23.12 -10.22
N LYS A 273 20.86 -23.73 -11.40
CA LYS A 273 20.06 -24.95 -11.49
C LYS A 273 20.65 -26.13 -10.71
N ASP A 274 21.97 -26.28 -10.71
CA ASP A 274 22.57 -27.40 -10.01
C ASP A 274 22.47 -27.24 -8.51
N ILE A 275 22.63 -26.01 -8.06
CA ILE A 275 22.50 -25.75 -6.62
C ILE A 275 21.04 -26.03 -6.14
N LYS A 276 20.07 -25.56 -6.92
CA LYS A 276 18.65 -25.79 -6.58
C LYS A 276 18.37 -27.26 -6.64
N LEU A 277 18.99 -27.95 -7.61
CA LEU A 277 18.75 -29.39 -7.72
C LEU A 277 19.38 -30.13 -6.54
N LYS A 278 20.55 -29.67 -6.08
CA LYS A 278 21.20 -30.26 -4.90
C LYS A 278 20.27 -30.12 -3.67
N LEU A 279 19.66 -28.93 -3.50
CA LEU A 279 18.73 -28.72 -2.37
C LEU A 279 17.50 -29.67 -2.44
N ILE A 280 16.95 -29.77 -3.64
CA ILE A 280 15.82 -30.63 -3.83
C ILE A 280 16.18 -32.07 -3.54
N GLN A 281 17.34 -32.54 -3.99
CA GLN A 281 17.72 -33.95 -3.73
C GLN A 281 18.04 -34.21 -2.28
N ILE A 282 18.38 -33.16 -1.55
CA ILE A 282 18.58 -33.29 -0.13
C ILE A 282 17.20 -33.58 0.49
N LEU A 283 16.17 -32.85 0.02
CA LEU A 283 14.80 -33.05 0.54
C LEU A 283 14.25 -34.43 0.15
N GLU A 284 14.66 -34.91 -1.02
CA GLU A 284 14.22 -36.21 -1.54
C GLU A 284 14.85 -37.43 -0.82
N PHE A 285 16.17 -37.44 -0.69
CA PHE A 285 16.87 -38.56 -0.08
C PHE A 285 17.33 -38.44 1.33
N ASP A 286 17.59 -37.21 1.75
CA ASP A 286 18.08 -37.01 3.11
C ASP A 286 17.01 -36.73 4.19
N THR A 287 16.12 -35.78 3.95
CA THR A 287 15.08 -35.47 4.91
C THR A 287 13.76 -36.12 4.53
N ASN A 288 13.67 -36.61 3.29
CA ASN A 288 12.45 -37.25 2.79
C ASN A 288 11.26 -36.31 2.93
N SER A 289 11.57 -35.03 2.82
CA SER A 289 10.57 -34.00 2.91
C SER A 289 9.58 -34.04 1.74
N LEU A 290 10.02 -34.52 0.56
CA LEU A 290 9.13 -34.55 -0.58
C LEU A 290 8.05 -35.63 -0.40
N ALA A 291 8.49 -36.83 -0.03
CA ALA A 291 7.54 -37.92 0.18
C ALA A 291 6.57 -37.47 1.23
N TYR A 292 7.09 -36.85 2.30
CA TYR A 292 6.24 -36.39 3.40
C TYR A 292 5.18 -35.38 2.97
N THR A 293 5.57 -34.46 2.10
CA THR A 293 4.65 -33.44 1.68
C THR A 293 3.60 -34.08 0.83
N LYS A 294 4.01 -35.03 -0.01
CA LYS A 294 3.04 -35.69 -0.87
C LYS A 294 1.98 -36.43 -0.05
N ASN A 295 2.43 -37.24 0.90
CA ASN A 295 1.51 -37.98 1.74
C ASN A 295 0.59 -37.04 2.54
N PHE A 296 1.13 -35.90 3.02
CA PHE A 296 0.37 -34.93 3.82
C PHE A 296 -0.68 -34.33 2.91
N ILE A 297 -0.32 -33.97 1.70
CA ILE A 297 -1.30 -33.43 0.79
C ILE A 297 -2.41 -34.44 0.58
N ASN A 298 -2.04 -35.70 0.41
CA ASN A 298 -2.99 -36.77 0.21
C ASN A 298 -3.94 -36.95 1.41
N GLN A 299 -3.39 -36.95 2.61
CA GLN A 299 -4.21 -37.11 3.78
C GLN A 299 -5.26 -36.01 3.78
N LEU A 300 -4.84 -34.77 3.53
CA LEU A 300 -5.76 -33.62 3.53
C LEU A 300 -6.86 -33.72 2.46
N VAL A 301 -6.49 -34.20 1.28
CA VAL A 301 -7.41 -34.38 0.17
C VAL A 301 -8.39 -35.48 0.57
N ASN A 302 -7.92 -36.44 1.35
CA ASN A 302 -8.81 -37.51 1.81
C ASN A 302 -9.81 -36.94 2.79
N MET A 303 -9.43 -35.92 3.57
CA MET A 303 -10.35 -35.31 4.53
C MET A 303 -11.59 -34.67 3.88
N ILE A 304 -11.59 -34.60 2.56
CA ILE A 304 -12.69 -34.02 1.82
C ILE A 304 -13.33 -35.13 1.04
N LYS A 305 -12.56 -35.75 0.16
CA LYS A 305 -13.05 -36.88 -0.61
C LYS A 305 -13.68 -37.92 0.33
N ASN A 306 -13.24 -37.97 1.59
CA ASN A 306 -13.79 -38.91 2.56
C ASN A 306 -14.81 -38.20 3.46
N ASP A 307 -15.36 -37.10 2.98
CA ASP A 307 -16.36 -36.37 3.76
C ASP A 307 -17.77 -36.72 3.26
N ASN B 4 -5.16 -39.67 11.47
CA ASN B 4 -6.06 -39.64 12.66
C ASN B 4 -5.72 -38.55 13.69
N LYS B 5 -4.45 -38.42 14.08
CA LYS B 5 -4.09 -37.35 14.99
C LYS B 5 -3.81 -36.08 14.16
N MET B 6 -3.37 -36.32 12.93
CA MET B 6 -3.07 -35.24 12.00
C MET B 6 -4.41 -34.66 11.55
N GLU B 7 -5.37 -35.53 11.22
CA GLU B 7 -6.69 -35.07 10.81
C GLU B 7 -7.33 -34.27 11.95
N ALA B 8 -7.12 -34.73 13.18
CA ALA B 8 -7.69 -34.04 14.34
C ALA B 8 -7.21 -32.59 14.35
N LYS B 9 -5.89 -32.41 14.38
CA LYS B 9 -5.25 -31.09 14.37
C LYS B 9 -5.68 -30.22 13.18
N ILE B 10 -5.85 -30.82 12.00
CA ILE B 10 -6.27 -30.06 10.85
C ILE B 10 -7.69 -29.62 11.12
N ASP B 11 -8.58 -30.53 11.49
CA ASP B 11 -9.97 -30.17 11.74
C ASP B 11 -10.01 -29.12 12.86
N GLU B 12 -9.14 -29.25 13.83
CA GLU B 12 -9.13 -28.20 14.84
C GLU B 12 -8.74 -26.82 14.24
N LEU B 13 -7.74 -26.80 13.36
CA LEU B 13 -7.25 -25.56 12.76
C LEU B 13 -8.28 -24.83 11.92
N ILE B 14 -8.83 -25.54 10.96
CA ILE B 14 -9.80 -25.00 10.02
C ILE B 14 -11.17 -24.60 10.58
N ASN B 15 -11.48 -25.02 11.80
CA ASN B 15 -12.75 -24.66 12.43
C ASN B 15 -12.62 -23.47 13.31
N ASN B 16 -11.39 -23.02 13.49
CA ASN B 16 -11.17 -21.84 14.28
C ASN B 16 -10.78 -20.64 13.43
N ASP B 17 -10.77 -19.46 14.05
CA ASP B 17 -10.33 -18.27 13.35
C ASP B 17 -8.80 -18.43 13.22
N PRO B 18 -8.19 -17.76 12.22
CA PRO B 18 -6.76 -17.87 12.00
C PRO B 18 -6.02 -17.40 13.25
N VAL B 19 -4.96 -18.12 13.62
CA VAL B 19 -4.21 -17.78 14.81
C VAL B 19 -3.32 -16.56 14.56
N TRP B 20 -3.31 -15.63 15.51
CA TRP B 20 -2.46 -14.47 15.44
C TRP B 20 -2.14 -14.06 16.88
N SER B 21 -0.84 -13.99 17.20
CA SER B 21 -0.38 -13.66 18.54
C SER B 21 0.14 -12.26 18.59
N SER B 22 0.36 -11.78 19.81
CA SER B 22 0.81 -10.43 19.92
C SER B 22 2.28 -10.36 19.62
N GLN B 23 2.97 -11.50 19.66
CA GLN B 23 4.38 -11.56 19.29
C GLN B 23 4.37 -11.32 17.76
N ASN B 24 3.47 -12.00 17.04
CA ASN B 24 3.30 -11.81 15.59
C ASN B 24 2.98 -10.31 15.31
N GLU B 25 2.05 -9.72 16.07
CA GLU B 25 1.66 -8.35 15.90
C GLU B 25 2.92 -7.52 16.03
N SER B 26 3.76 -7.85 17.02
CA SER B 26 4.98 -7.10 17.20
C SER B 26 5.92 -7.21 16.08
N LEU B 27 6.01 -8.38 15.48
CA LEU B 27 6.91 -8.55 14.34
C LEU B 27 6.55 -7.65 13.14
N ILE B 28 5.27 -7.73 12.77
CA ILE B 28 4.70 -7.05 11.66
C ILE B 28 4.66 -5.57 11.85
N SER B 29 4.81 -5.14 13.11
CA SER B 29 4.78 -3.75 13.47
C SER B 29 6.10 -3.05 13.48
N LYS B 30 7.19 -3.80 13.45
CA LYS B 30 8.50 -3.17 13.55
C LYS B 30 8.77 -2.03 12.57
N PRO B 31 8.42 -2.20 11.26
CA PRO B 31 8.71 -1.10 10.32
C PRO B 31 7.92 0.19 10.61
N TYR B 32 6.71 0.02 11.10
CA TYR B 32 5.86 1.16 11.42
C TYR B 32 6.40 1.85 12.71
N ASN B 33 6.61 1.05 13.74
CA ASN B 33 7.10 1.57 15.00
C ASN B 33 8.35 2.36 14.81
N HIS B 34 9.15 1.93 13.84
CA HIS B 34 10.37 2.66 13.60
C HIS B 34 10.13 4.12 13.15
N ILE B 35 9.09 4.36 12.37
CA ILE B 35 8.86 5.72 11.92
C ILE B 35 8.16 6.57 13.00
N LEU B 36 7.67 5.90 14.04
CA LEU B 36 7.04 6.61 15.16
C LEU B 36 8.10 7.46 15.86
N LEU B 37 9.37 7.05 15.81
CA LEU B 37 10.43 7.83 16.44
C LEU B 37 10.50 9.25 15.83
N LYS B 38 10.06 9.40 14.58
CA LYS B 38 10.04 10.69 13.89
C LYS B 38 9.11 11.67 14.66
N PRO B 39 9.57 12.92 14.86
CA PRO B 39 8.74 13.89 15.58
C PRO B 39 7.63 14.48 14.69
N GLY B 40 6.97 15.53 15.17
CA GLY B 40 5.92 16.19 14.40
C GLY B 40 4.50 15.79 14.78
N LYS B 41 4.37 14.74 15.59
CA LYS B 41 3.04 14.27 15.99
C LYS B 41 2.23 15.37 16.67
N ASN B 42 2.91 16.28 17.34
CA ASN B 42 2.21 17.34 18.01
C ASN B 42 1.64 18.37 17.04
N PHE B 43 2.43 18.80 16.07
CA PHE B 43 1.89 19.79 15.15
C PHE B 43 0.70 19.23 14.39
N ARG B 44 0.64 17.91 14.27
CA ARG B 44 -0.49 17.30 13.58
C ARG B 44 -1.63 17.36 14.62
N LEU B 45 -1.34 16.84 15.81
CA LEU B 45 -2.33 16.82 16.87
C LEU B 45 -2.83 18.25 17.16
N ASN B 46 -1.92 19.21 17.22
CA ASN B 46 -2.32 20.59 17.48
C ASN B 46 -3.32 21.05 16.44
N LEU B 47 -3.09 20.70 15.20
CA LEU B 47 -4.00 21.14 14.17
C LEU B 47 -5.38 20.53 14.40
N ILE B 48 -5.44 19.29 14.88
CA ILE B 48 -6.73 18.63 15.13
C ILE B 48 -7.44 19.33 16.32
N VAL B 49 -6.70 19.48 17.41
CA VAL B 49 -7.18 20.15 18.62
C VAL B 49 -7.79 21.51 18.21
N GLN B 50 -6.93 22.41 17.76
CA GLN B 50 -7.37 23.72 17.32
C GLN B 50 -8.64 23.61 16.53
N ILE B 51 -8.70 22.66 15.58
CA ILE B 51 -9.91 22.51 14.76
C ILE B 51 -11.12 22.03 15.53
N ASN B 52 -10.95 21.23 16.60
CA ASN B 52 -12.12 20.74 17.35
C ASN B 52 -12.87 21.87 18.04
N ARG B 53 -12.23 23.01 18.17
CA ARG B 53 -12.89 24.15 18.79
C ARG B 53 -14.11 24.49 17.93
N VAL B 54 -14.10 24.11 16.66
CA VAL B 54 -15.24 24.37 15.81
C VAL B 54 -16.18 23.17 15.71
N MET B 55 -15.60 21.97 15.82
CA MET B 55 -16.38 20.75 15.66
C MET B 55 -16.81 20.15 16.97
N ASN B 56 -16.00 20.38 18.00
CA ASN B 56 -16.23 19.89 19.36
C ASN B 56 -16.60 18.43 19.48
N LEU B 57 -15.67 17.56 19.12
CA LEU B 57 -15.95 16.14 19.22
C LEU B 57 -15.57 15.70 20.63
N PRO B 58 -16.30 14.74 21.18
CA PRO B 58 -16.02 14.23 22.53
C PRO B 58 -14.62 13.62 22.57
N LYS B 59 -13.75 14.19 23.39
CA LYS B 59 -12.37 13.73 23.56
C LYS B 59 -12.15 12.27 23.17
N ASP B 60 -13.04 11.41 23.62
CA ASP B 60 -12.94 9.99 23.28
C ASP B 60 -12.82 9.88 21.77
N GLN B 61 -13.89 10.31 21.10
CA GLN B 61 -14.00 10.30 19.67
C GLN B 61 -12.85 10.99 18.94
N LEU B 62 -12.41 12.13 19.46
CA LEU B 62 -11.29 12.88 18.88
C LEU B 62 -9.99 12.03 18.86
N ALA B 63 -9.82 11.18 19.87
CA ALA B 63 -8.63 10.37 19.92
C ALA B 63 -8.60 9.32 18.80
N ILE B 64 -9.69 8.58 18.63
CA ILE B 64 -9.75 7.59 17.57
C ILE B 64 -9.45 8.30 16.22
N VAL B 65 -10.07 9.46 15.97
CA VAL B 65 -9.86 10.21 14.73
C VAL B 65 -8.35 10.49 14.64
N SER B 66 -7.76 10.83 15.77
CA SER B 66 -6.36 11.13 15.80
C SER B 66 -5.50 9.90 15.47
N GLN B 67 -5.84 8.75 16.04
CA GLN B 67 -5.07 7.54 15.76
C GLN B 67 -5.15 7.15 14.28
N ILE B 68 -6.34 7.31 13.71
CA ILE B 68 -6.62 7.01 12.32
C ILE B 68 -5.74 7.81 11.38
N VAL B 69 -5.72 9.10 11.65
CA VAL B 69 -4.92 10.06 10.92
C VAL B 69 -3.47 9.68 11.07
N GLU B 70 -3.02 9.41 12.30
CA GLU B 70 -1.64 9.06 12.44
C GLU B 70 -1.23 7.87 11.59
N LEU B 71 -2.06 6.82 11.61
CA LEU B 71 -1.78 5.57 10.88
C LEU B 71 -1.63 5.80 9.40
N LEU B 72 -2.55 6.56 8.84
CA LEU B 72 -2.54 6.81 7.41
C LEU B 72 -1.38 7.67 6.99
N HIS B 73 -1.10 8.67 7.81
CA HIS B 73 -0.02 9.59 7.55
C HIS B 73 1.28 8.85 7.61
N ASN B 74 1.53 8.14 8.70
CA ASN B 74 2.80 7.44 8.81
C ASN B 74 2.92 6.33 7.77
N SER B 75 1.81 5.70 7.44
CA SER B 75 1.91 4.60 6.48
C SER B 75 2.19 5.11 5.07
N SER B 76 1.54 6.19 4.70
CA SER B 76 1.74 6.75 3.39
C SER B 76 3.19 7.18 3.31
N LEU B 77 3.78 7.69 4.41
CA LEU B 77 5.18 8.10 4.34
C LEU B 77 6.13 6.91 4.15
N LEU B 78 5.88 5.82 4.86
CA LEU B 78 6.71 4.61 4.69
C LEU B 78 6.73 4.22 3.19
N ILE B 79 5.56 4.20 2.56
CA ILE B 79 5.43 3.85 1.13
C ILE B 79 6.11 4.91 0.25
N ASP B 80 5.84 6.17 0.53
CA ASP B 80 6.41 7.25 -0.23
C ASP B 80 7.93 7.19 -0.25
N ASP B 81 8.55 6.82 0.88
CA ASP B 81 10.02 6.75 0.91
C ASP B 81 10.49 5.57 0.07
N ILE B 82 9.71 4.51 -0.02
CA ILE B 82 10.17 3.44 -0.89
C ILE B 82 10.02 3.94 -2.37
N GLU B 83 8.89 4.57 -2.68
CA GLU B 83 8.58 5.07 -4.03
C GLU B 83 9.56 6.18 -4.43
N ASP B 84 10.09 6.92 -3.45
CA ASP B 84 10.98 8.00 -3.83
C ASP B 84 12.42 7.64 -3.59
N ASN B 85 12.67 6.39 -3.20
CA ASN B 85 13.98 5.90 -2.92
C ASN B 85 14.69 6.91 -2.00
N ALA B 86 14.08 7.23 -0.86
CA ALA B 86 14.66 8.17 0.09
C ALA B 86 15.48 7.44 1.14
N PRO B 87 16.71 7.93 1.38
CA PRO B 87 17.60 7.30 2.36
C PRO B 87 17.31 7.79 3.77
N LEU B 88 16.70 8.98 3.87
CA LEU B 88 16.38 9.62 5.14
C LEU B 88 15.01 10.28 5.22
N ARG B 89 14.52 10.38 6.44
CA ARG B 89 13.23 11.02 6.77
C ARG B 89 13.38 11.61 8.19
N ARG B 90 13.00 12.87 8.36
CA ARG B 90 13.15 13.52 9.66
C ARG B 90 14.53 13.20 10.23
N GLY B 91 15.53 13.15 9.34
CA GLY B 91 16.89 12.88 9.75
C GLY B 91 17.32 11.46 10.09
N GLN B 92 16.41 10.58 10.44
CA GLN B 92 16.80 9.21 10.75
C GLN B 92 16.70 8.32 9.48
N THR B 93 17.35 7.16 9.53
CA THR B 93 17.29 6.24 8.40
C THR B 93 15.85 5.79 8.10
N THR B 94 15.53 5.63 6.81
CA THR B 94 14.19 5.20 6.44
C THR B 94 14.01 3.72 6.76
N SER B 95 12.78 3.31 7.10
CA SER B 95 12.48 1.93 7.42
C SER B 95 12.86 0.86 6.41
N HIS B 96 12.54 1.12 5.12
CA HIS B 96 12.86 0.11 4.09
C HIS B 96 14.34 -0.20 4.05
N LEU B 97 15.17 0.76 4.43
CA LEU B 97 16.59 0.45 4.40
C LEU B 97 17.01 -0.44 5.60
N ILE B 98 16.19 -0.47 6.64
CA ILE B 98 16.49 -1.30 7.82
C ILE B 98 15.77 -2.66 7.80
N PHE B 99 14.46 -2.65 7.55
CA PHE B 99 13.69 -3.90 7.58
C PHE B 99 13.45 -4.46 6.21
N GLY B 100 13.89 -3.75 5.17
CA GLY B 100 13.75 -4.20 3.78
C GLY B 100 12.48 -3.66 3.10
N VAL B 101 12.51 -3.48 1.77
CA VAL B 101 11.32 -3.01 1.05
C VAL B 101 10.10 -3.99 1.29
N PRO B 102 10.28 -5.35 1.17
CA PRO B 102 9.18 -6.30 1.39
C PRO B 102 8.35 -6.03 2.64
N SER B 103 8.99 -6.22 3.79
CA SER B 103 8.32 -6.01 5.07
C SER B 103 7.71 -4.62 5.23
N THR B 104 8.47 -3.58 4.81
CA THR B 104 7.97 -2.20 4.94
C THR B 104 6.67 -1.93 4.12
N ILE B 105 6.60 -2.44 2.87
CA ILE B 105 5.38 -2.29 2.08
C ILE B 105 4.23 -2.98 2.80
N ASN B 106 4.46 -4.22 3.18
CA ASN B 106 3.43 -5.01 3.78
C ASN B 106 2.91 -4.35 5.07
N THR B 107 3.85 -3.92 5.93
CA THR B 107 3.45 -3.30 7.18
C THR B 107 2.62 -2.02 6.87
N ALA B 108 3.12 -1.19 5.95
CA ALA B 108 2.40 0.04 5.60
C ALA B 108 1.00 -0.28 5.16
N ASN B 109 0.87 -1.27 4.27
CA ASN B 109 -0.44 -1.67 3.73
C ASN B 109 -1.36 -2.23 4.88
N TYR B 110 -0.78 -3.05 5.77
CA TYR B 110 -1.48 -3.61 6.92
C TYR B 110 -2.09 -2.44 7.74
N MET B 111 -1.30 -1.42 8.02
CA MET B 111 -1.78 -0.28 8.81
C MET B 111 -2.87 0.56 8.13
N TYR B 112 -2.95 0.52 6.79
CA TYR B 112 -4.03 1.23 6.10
C TYR B 112 -5.33 0.54 6.51
N PHE B 113 -5.32 -0.79 6.50
CA PHE B 113 -6.51 -1.55 6.86
C PHE B 113 -6.80 -1.53 8.38
N ARG B 114 -5.77 -1.31 9.20
CA ARG B 114 -5.96 -1.24 10.65
C ARG B 114 -6.64 0.07 10.92
N ALA B 115 -6.28 1.07 10.10
CA ALA B 115 -6.84 2.40 10.22
C ALA B 115 -8.32 2.33 9.82
N MET B 116 -8.60 1.58 8.78
CA MET B 116 -9.93 1.40 8.31
C MET B 116 -10.78 0.81 9.47
N GLN B 117 -10.24 -0.20 10.15
CA GLN B 117 -10.94 -0.83 11.27
C GLN B 117 -11.29 0.15 12.42
N LEU B 118 -10.37 1.07 12.71
CA LEU B 118 -10.58 2.10 13.71
C LEU B 118 -11.78 3.01 13.39
N VAL B 119 -12.18 3.03 12.11
CA VAL B 119 -13.31 3.81 11.64
C VAL B 119 -14.64 3.35 12.24
N SER B 120 -14.86 2.04 12.29
CA SER B 120 -16.11 1.54 12.87
C SER B 120 -16.18 1.75 14.35
N GLN B 121 -15.17 2.36 14.95
CA GLN B 121 -15.23 2.59 16.37
C GLN B 121 -15.50 4.05 16.67
N LEU B 122 -15.83 4.82 15.65
CA LEU B 122 -16.11 6.23 15.83
C LEU B 122 -17.59 6.44 16.17
N THR B 123 -18.43 5.53 15.67
CA THR B 123 -19.88 5.59 15.86
C THR B 123 -20.46 4.22 15.63
N THR B 124 -21.63 3.96 16.23
CA THR B 124 -22.32 2.70 16.00
C THR B 124 -23.57 2.98 15.17
N LYS B 125 -23.80 4.26 14.89
CA LYS B 125 -24.94 4.66 14.10
C LYS B 125 -24.70 4.24 12.65
N GLU B 126 -25.43 3.22 12.20
CA GLU B 126 -25.30 2.62 10.85
C GLU B 126 -25.24 3.53 9.63
N PRO B 127 -26.01 4.64 9.64
CA PRO B 127 -26.03 5.60 8.51
C PRO B 127 -24.75 6.46 8.51
N LEU B 128 -24.42 7.03 9.68
CA LEU B 128 -23.22 7.85 9.85
C LEU B 128 -21.95 6.97 9.64
N TYR B 129 -22.07 5.66 9.84
CA TYR B 129 -20.95 4.76 9.66
C TYR B 129 -20.61 4.71 8.20
N HIS B 130 -21.66 4.55 7.39
CA HIS B 130 -21.49 4.47 5.97
C HIS B 130 -20.81 5.76 5.50
N ASN B 131 -21.29 6.89 5.99
CA ASN B 131 -20.74 8.17 5.58
C ASN B 131 -19.26 8.26 5.87
N LEU B 132 -18.89 7.75 7.04
CA LEU B 132 -17.52 7.74 7.48
C LEU B 132 -16.62 6.88 6.63
N ILE B 133 -17.10 5.69 6.27
CA ILE B 133 -16.34 4.81 5.42
C ILE B 133 -16.20 5.41 4.01
N THR B 134 -17.27 5.99 3.48
CA THR B 134 -17.23 6.62 2.17
C THR B 134 -16.18 7.72 2.13
N ILE B 135 -16.21 8.58 3.15
CA ILE B 135 -15.24 9.66 3.29
C ILE B 135 -13.80 9.05 3.31
N PHE B 136 -13.61 8.00 4.12
CA PHE B 136 -12.33 7.31 4.22
C PHE B 136 -11.91 6.80 2.83
N ASN B 137 -12.81 6.01 2.23
CA ASN B 137 -12.58 5.42 0.91
C ASN B 137 -12.19 6.50 -0.15
N GLU B 138 -13.00 7.56 -0.27
CA GLU B 138 -12.80 8.62 -1.26
C GLU B 138 -11.47 9.33 -1.14
N GLU B 139 -11.11 9.75 0.06
CA GLU B 139 -9.86 10.45 0.23
C GLU B 139 -8.64 9.56 0.04
N LEU B 140 -8.77 8.29 0.41
CA LEU B 140 -7.64 7.42 0.14
C LEU B 140 -7.48 7.23 -1.37
N ILE B 141 -8.61 7.19 -2.09
CA ILE B 141 -8.56 7.05 -3.54
C ILE B 141 -7.87 8.28 -4.14
N ASN B 142 -8.19 9.47 -3.63
CA ASN B 142 -7.59 10.74 -4.12
C ASN B 142 -6.09 10.81 -3.81
N LEU B 143 -5.70 10.37 -2.62
CA LEU B 143 -4.31 10.38 -2.23
C LEU B 143 -3.52 9.52 -3.27
N HIS B 144 -4.06 8.35 -3.56
CA HIS B 144 -3.40 7.49 -4.52
C HIS B 144 -3.37 8.02 -5.95
N ARG B 145 -4.43 8.73 -6.37
CA ARG B 145 -4.44 9.33 -7.72
C ARG B 145 -3.35 10.40 -7.80
N GLY B 146 -3.33 11.27 -6.78
CA GLY B 146 -2.33 12.32 -6.75
C GLY B 146 -0.91 11.76 -6.73
N GLN B 147 -0.65 10.78 -5.84
CA GLN B 147 0.70 10.18 -5.69
C GLN B 147 1.04 9.49 -7.02
N GLY B 148 0.00 8.89 -7.59
CA GLY B 148 0.14 8.22 -8.86
C GLY B 148 0.60 9.09 -10.00
N LEU B 149 0.13 10.32 -10.05
CA LEU B 149 0.48 11.27 -11.10
C LEU B 149 1.83 11.87 -10.77
N ASP B 150 2.10 12.11 -9.49
CA ASP B 150 3.38 12.67 -9.07
C ASP B 150 4.50 11.70 -9.58
N ILE B 151 4.33 10.44 -9.27
CA ILE B 151 5.24 9.36 -9.66
C ILE B 151 5.31 9.21 -11.20
N TYR B 152 4.15 9.16 -11.85
CA TYR B 152 4.12 9.03 -13.30
C TYR B 152 4.96 10.14 -14.01
N TRP B 153 4.73 11.42 -13.69
CA TRP B 153 5.49 12.47 -14.34
C TRP B 153 7.00 12.37 -14.08
N ARG B 154 7.35 11.92 -12.88
CA ARG B 154 8.74 11.80 -12.51
C ARG B 154 9.39 10.66 -13.28
N ASP B 155 8.71 9.53 -13.29
CA ASP B 155 9.21 8.35 -13.93
C ASP B 155 9.12 8.27 -15.48
N PHE B 156 8.27 9.09 -16.08
CA PHE B 156 8.16 9.09 -17.52
C PHE B 156 8.83 10.31 -18.15
N LEU B 157 9.33 11.22 -17.31
CA LEU B 157 10.04 12.40 -17.82
C LEU B 157 11.13 11.90 -18.78
N PRO B 158 11.34 12.62 -19.90
CA PRO B 158 10.62 13.83 -20.24
C PRO B 158 9.39 13.71 -21.15
N GLU B 159 8.58 12.64 -21.00
CA GLU B 159 7.39 12.48 -21.85
C GLU B 159 6.36 13.60 -21.60
N ILE B 160 6.04 13.86 -20.34
CA ILE B 160 5.08 14.92 -20.03
C ILE B 160 5.70 15.94 -19.10
N ILE B 161 5.47 17.20 -19.37
CA ILE B 161 5.94 18.19 -18.45
C ILE B 161 4.69 18.94 -17.96
N PRO B 162 4.35 18.75 -16.70
CA PRO B 162 3.16 19.40 -16.17
C PRO B 162 3.20 20.92 -16.18
N THR B 163 2.02 21.51 -16.36
CA THR B 163 1.85 22.95 -16.33
C THR B 163 1.61 23.24 -14.86
N GLN B 164 1.67 24.51 -14.51
CA GLN B 164 1.46 24.91 -13.14
C GLN B 164 0.11 24.43 -12.67
N GLU B 165 -0.88 24.52 -13.55
CA GLU B 165 -2.21 24.09 -13.20
C GLU B 165 -2.29 22.58 -12.98
N MET B 166 -1.64 21.79 -13.84
CA MET B 166 -1.73 20.32 -13.68
C MET B 166 -1.20 19.94 -12.35
N TYR B 167 -0.11 20.60 -11.97
CA TYR B 167 0.52 20.39 -10.68
C TYR B 167 -0.45 20.69 -9.51
N LEU B 168 -1.20 21.79 -9.59
CA LEU B 168 -2.12 22.16 -8.51
C LEU B 168 -3.17 21.07 -8.38
N ASN B 169 -3.66 20.56 -9.51
CA ASN B 169 -4.62 19.47 -9.46
C ASN B 169 -3.99 18.20 -8.86
N MET B 170 -2.72 17.97 -9.12
CA MET B 170 -2.06 16.82 -8.52
C MET B 170 -2.05 16.95 -7.00
N VAL B 171 -1.60 18.11 -6.49
CA VAL B 171 -1.51 18.37 -5.05
C VAL B 171 -2.88 18.32 -4.32
N MET B 172 -3.94 18.73 -5.02
CA MET B 172 -5.29 18.69 -4.44
C MET B 172 -5.63 17.22 -4.09
N ASN B 173 -5.28 16.31 -4.99
CA ASN B 173 -5.51 14.90 -4.79
C ASN B 173 -4.49 14.37 -3.73
N LYS B 174 -3.20 14.56 -4.02
CA LYS B 174 -2.11 14.07 -3.20
C LYS B 174 -2.05 14.65 -1.77
N THR B 175 -1.82 15.95 -1.63
CA THR B 175 -1.72 16.54 -0.30
C THR B 175 -3.10 16.85 0.31
N GLY B 176 -4.10 17.06 -0.52
CA GLY B 176 -5.42 17.34 -0.02
C GLY B 176 -6.13 16.14 0.58
N GLY B 177 -5.80 14.94 0.09
CA GLY B 177 -6.44 13.75 0.56
C GLY B 177 -6.51 13.58 2.08
N LEU B 178 -5.36 13.58 2.75
CA LEU B 178 -5.37 13.40 4.21
C LEU B 178 -5.89 14.59 5.01
N PHE B 179 -5.67 15.79 4.49
CA PHE B 179 -6.15 17.02 5.14
C PHE B 179 -7.65 16.96 5.11
N ARG B 180 -8.18 16.77 3.91
CA ARG B 180 -9.62 16.68 3.76
C ARG B 180 -10.18 15.52 4.56
N LEU B 181 -9.50 14.38 4.57
CA LEU B 181 -10.00 13.20 5.25
C LEU B 181 -10.21 13.53 6.71
N THR B 182 -9.21 14.13 7.33
CA THR B 182 -9.29 14.48 8.74
C THR B 182 -10.45 15.42 9.01
N LEU B 183 -10.49 16.52 8.25
CA LEU B 183 -11.54 17.54 8.38
C LEU B 183 -12.97 16.98 8.14
N ARG B 184 -13.11 16.23 7.06
CA ARG B 184 -14.38 15.67 6.72
C ARG B 184 -14.91 14.70 7.76
N LEU B 185 -14.04 13.89 8.38
CA LEU B 185 -14.49 12.95 9.40
C LEU B 185 -15.07 13.75 10.60
N MET B 186 -14.32 14.78 11.03
CA MET B 186 -14.70 15.67 12.13
C MET B 186 -16.03 16.41 11.84
N GLU B 187 -16.16 16.97 10.64
CA GLU B 187 -17.38 17.66 10.33
C GLU B 187 -18.54 16.71 10.32
N ALA B 188 -18.30 15.44 10.00
CA ALA B 188 -19.41 14.49 9.99
C ALA B 188 -19.76 13.99 11.38
N LEU B 189 -18.77 14.02 12.26
CA LEU B 189 -18.95 13.58 13.64
C LEU B 189 -19.29 14.78 14.57
N SER B 190 -19.27 16.00 14.03
CA SER B 190 -19.54 17.19 14.83
C SER B 190 -20.92 17.23 15.46
N PRO B 191 -20.98 17.34 16.80
CA PRO B 191 -22.28 17.39 17.49
C PRO B 191 -22.94 18.78 17.41
N SER B 192 -22.28 19.72 16.73
CA SER B 192 -22.75 21.10 16.57
C SER B 192 -23.37 21.37 15.18
N HIS B 195 -21.72 24.80 13.49
CA HIS B 195 -20.24 25.12 13.43
C HIS B 195 -19.90 26.07 12.28
N GLY B 196 -20.87 26.34 11.41
CA GLY B 196 -20.64 27.23 10.28
C GLY B 196 -20.31 26.56 8.94
N HIS B 197 -19.81 27.39 8.00
CA HIS B 197 -19.43 26.93 6.67
C HIS B 197 -18.42 25.77 6.69
N SER B 198 -18.44 24.93 5.65
CA SER B 198 -17.53 23.81 5.57
C SER B 198 -16.16 24.40 5.58
N LEU B 199 -15.28 23.83 6.37
CA LEU B 199 -13.94 24.33 6.45
C LEU B 199 -13.05 23.64 5.43
N VAL B 200 -13.65 22.94 4.49
CA VAL B 200 -12.85 22.22 3.48
C VAL B 200 -11.98 23.12 2.56
N PRO B 201 -12.55 24.21 1.97
CA PRO B 201 -11.75 25.10 1.10
C PRO B 201 -10.49 25.56 1.82
N PHE B 202 -10.63 25.79 3.11
CA PHE B 202 -9.51 26.25 3.89
C PHE B 202 -8.48 25.14 4.16
N ILE B 203 -8.97 23.92 4.30
CA ILE B 203 -8.08 22.82 4.53
C ILE B 203 -7.38 22.51 3.16
N ASN B 204 -8.07 22.80 2.05
CA ASN B 204 -7.51 22.63 0.71
C ASN B 204 -6.32 23.59 0.51
N LEU B 205 -6.55 24.88 0.81
CA LEU B 205 -5.55 25.93 0.68
C LEU B 205 -4.37 25.54 1.55
N LEU B 206 -4.72 25.02 2.73
CA LEU B 206 -3.71 24.54 3.67
C LEU B 206 -2.81 23.45 3.04
N GLY B 207 -3.45 22.41 2.52
CA GLY B 207 -2.66 21.36 1.89
C GLY B 207 -1.76 21.95 0.81
N ILE B 208 -2.32 22.81 -0.05
CA ILE B 208 -1.53 23.43 -1.12
C ILE B 208 -0.35 24.21 -0.61
N ILE B 209 -0.57 25.04 0.41
CA ILE B 209 0.52 25.82 0.97
C ILE B 209 1.59 24.88 1.49
N TYR B 210 1.13 23.86 2.19
CA TYR B 210 2.04 22.89 2.78
C TYR B 210 2.96 22.21 1.75
N GLN B 211 2.39 21.77 0.61
CA GLN B 211 3.20 21.09 -0.40
C GLN B 211 4.23 21.99 -1.12
N ILE B 212 3.82 23.21 -1.48
CA ILE B 212 4.74 24.12 -2.16
C ILE B 212 5.84 24.50 -1.22
N ARG B 213 5.49 24.81 0.01
CA ARG B 213 6.53 25.12 0.97
C ARG B 213 7.50 23.91 1.15
N ASP B 214 6.98 22.68 1.12
CA ASP B 214 7.87 21.52 1.26
C ASP B 214 8.78 21.56 0.00
N ASP B 215 8.18 21.73 -1.19
CA ASP B 215 8.98 21.75 -2.45
C ASP B 215 10.00 22.91 -2.41
N TYR B 216 9.60 24.03 -1.82
CA TYR B 216 10.45 25.23 -1.69
C TYR B 216 11.61 25.04 -0.70
N LEU B 217 11.28 24.69 0.53
CA LEU B 217 12.33 24.55 1.51
C LEU B 217 13.37 23.47 1.16
N ASN B 218 12.99 22.42 0.43
CA ASN B 218 13.97 21.38 0.07
C ASN B 218 15.09 21.97 -0.80
N LEU B 219 14.77 22.94 -1.64
CA LEU B 219 15.78 23.57 -2.50
C LEU B 219 16.49 24.74 -1.84
N LYS B 220 15.77 25.47 -0.97
CA LYS B 220 16.31 26.64 -0.28
C LYS B 220 17.28 26.29 0.85
N ASP B 221 16.88 25.36 1.70
CA ASP B 221 17.74 24.93 2.80
C ASP B 221 19.08 24.55 2.19
N PHE B 222 19.05 23.88 1.03
CA PHE B 222 20.29 23.47 0.37
C PHE B 222 21.07 24.66 -0.20
N GLN B 223 20.39 25.58 -0.86
CA GLN B 223 21.03 26.77 -1.42
C GLN B 223 21.80 27.54 -0.34
N MET B 224 21.17 27.75 0.81
CA MET B 224 21.82 28.49 1.89
C MET B 224 22.82 27.56 2.58
N SER B 225 23.04 26.36 2.06
CA SER B 225 23.96 25.42 2.70
C SER B 225 24.14 24.08 1.94
N PHE B 230 19.91 18.74 1.69
CA PHE B 230 20.66 18.05 0.61
C PHE B 230 19.94 18.17 -0.72
N ALA B 231 18.77 18.79 -0.70
CA ALA B 231 18.00 18.96 -1.94
C ALA B 231 17.73 17.61 -2.63
N GLU B 232 17.25 16.64 -1.87
CA GLU B 232 16.95 15.30 -2.39
C GLU B 232 16.00 15.30 -3.58
N ASP B 233 15.07 16.25 -3.60
CA ASP B 233 14.10 16.37 -4.70
C ASP B 233 14.77 16.31 -6.11
N ILE B 234 15.93 16.99 -6.25
CA ILE B 234 16.70 17.00 -7.45
C ILE B 234 17.20 15.56 -7.70
N THR B 235 17.78 14.92 -6.69
CA THR B 235 18.27 13.55 -6.83
C THR B 235 17.12 12.60 -7.24
N GLU B 236 15.93 12.89 -6.74
CA GLU B 236 14.73 12.13 -6.99
C GLU B 236 14.16 12.42 -8.39
N GLY B 237 14.39 13.63 -8.91
CA GLY B 237 13.91 13.97 -10.26
C GLY B 237 12.44 14.37 -10.29
N LYS B 238 12.04 14.90 -9.15
CA LYS B 238 10.69 15.35 -8.87
C LYS B 238 10.20 16.65 -9.58
N LEU B 239 8.96 16.59 -10.10
CA LEU B 239 8.41 17.75 -10.74
C LEU B 239 7.83 18.60 -9.62
N SER B 240 8.71 19.19 -8.82
CA SER B 240 8.33 20.04 -7.70
C SER B 240 7.83 21.39 -8.23
N PHE B 241 7.33 22.23 -7.34
CA PHE B 241 6.78 23.49 -7.80
C PHE B 241 7.78 24.40 -8.52
N PRO B 242 8.97 24.60 -7.92
CA PRO B 242 10.00 25.45 -8.56
C PRO B 242 10.41 24.86 -9.90
N ILE B 243 10.42 23.52 -10.00
CA ILE B 243 10.84 22.91 -11.23
C ILE B 243 9.80 23.07 -12.32
N VAL B 244 8.52 22.95 -11.97
CA VAL B 244 7.48 23.05 -12.98
C VAL B 244 7.55 24.50 -13.51
N HIS B 245 7.72 25.46 -12.60
CA HIS B 245 7.80 26.84 -13.00
C HIS B 245 8.90 27.03 -14.03
N ALA B 246 10.12 26.64 -13.64
CA ALA B 246 11.31 26.73 -14.45
C ALA B 246 11.17 26.06 -15.84
N LEU B 247 10.68 24.84 -15.87
CA LEU B 247 10.54 24.14 -17.14
C LEU B 247 9.56 24.88 -18.01
N ASN B 248 8.48 25.40 -17.41
CA ASN B 248 7.51 26.09 -18.23
C ASN B 248 7.99 27.49 -18.67
N PHE B 249 8.81 28.12 -17.84
CA PHE B 249 9.37 29.43 -18.11
C PHE B 249 10.28 29.32 -19.34
N THR B 250 11.32 28.46 -19.25
CA THR B 250 12.23 28.28 -20.37
C THR B 250 11.56 27.88 -21.68
N LYS B 251 10.58 26.97 -21.65
CA LYS B 251 9.90 26.62 -22.90
C LYS B 251 9.21 27.87 -23.46
N THR B 252 8.47 28.60 -22.62
CA THR B 252 7.76 29.84 -22.99
C THR B 252 8.67 30.94 -23.53
N LYS B 253 9.79 31.15 -22.86
CA LYS B 253 10.76 32.14 -23.29
C LYS B 253 11.67 31.58 -24.41
N GLY B 254 11.35 30.40 -24.92
CA GLY B 254 12.17 29.81 -25.98
C GLY B 254 13.61 29.47 -25.65
N GLN B 255 13.97 29.42 -24.36
CA GLN B 255 15.34 29.08 -23.91
C GLN B 255 15.59 27.56 -23.97
N THR B 256 15.73 27.05 -25.18
CA THR B 256 15.95 25.65 -25.39
C THR B 256 17.02 24.99 -24.56
N GLU B 257 18.16 25.64 -24.51
CA GLU B 257 19.28 25.09 -23.80
C GLU B 257 19.07 24.90 -22.32
N GLN B 258 18.56 25.94 -21.65
CA GLN B 258 18.34 25.88 -20.23
C GLN B 258 17.24 24.88 -19.98
N HIS B 259 16.25 24.81 -20.88
CA HIS B 259 15.15 23.84 -20.70
C HIS B 259 15.72 22.41 -20.64
N ASN B 260 16.48 22.04 -21.67
CA ASN B 260 17.09 20.73 -21.75
C ASN B 260 18.10 20.48 -20.61
N GLU B 261 18.79 21.53 -20.22
CA GLU B 261 19.78 21.46 -19.15
C GLU B 261 19.09 21.07 -17.82
N ILE B 262 17.90 21.61 -17.61
CA ILE B 262 17.11 21.26 -16.42
C ILE B 262 16.68 19.80 -16.55
N LEU B 263 16.16 19.44 -17.72
CA LEU B 263 15.78 18.06 -17.98
C LEU B 263 16.96 17.12 -17.77
N ARG B 264 18.14 17.46 -18.28
CA ARG B 264 19.27 16.57 -18.11
C ARG B 264 19.66 16.38 -16.66
N ILE B 265 19.66 17.44 -15.85
CA ILE B 265 20.06 17.25 -14.45
C ILE B 265 19.06 16.38 -13.69
N LEU B 266 17.78 16.64 -13.87
CA LEU B 266 16.74 15.84 -13.23
C LEU B 266 16.93 14.38 -13.63
N LEU B 267 17.22 14.11 -14.91
CA LEU B 267 17.37 12.74 -15.37
C LEU B 267 18.62 12.01 -14.90
N LEU B 268 19.58 12.75 -14.37
CA LEU B 268 20.79 12.14 -13.85
C LEU B 268 20.50 11.39 -12.56
N ARG B 269 19.46 11.75 -11.82
CA ARG B 269 19.17 11.15 -10.52
C ARG B 269 20.52 11.28 -9.72
N THR B 270 21.10 12.47 -9.78
CA THR B 270 22.41 12.71 -9.14
C THR B 270 22.39 13.09 -7.66
N SER B 271 23.41 12.59 -6.94
CA SER B 271 23.65 12.94 -5.54
C SER B 271 24.79 13.95 -5.47
N ASP B 272 25.40 14.25 -6.63
CA ASP B 272 26.54 15.17 -6.73
C ASP B 272 26.21 16.61 -6.35
N LYS B 273 26.74 17.09 -5.23
CA LYS B 273 26.45 18.45 -4.79
C LYS B 273 26.75 19.51 -5.85
N ASP B 274 27.87 19.38 -6.58
CA ASP B 274 28.23 20.37 -7.61
C ASP B 274 27.13 20.45 -8.69
N ILE B 275 26.67 19.31 -9.19
CA ILE B 275 25.60 19.34 -10.17
C ILE B 275 24.28 19.84 -9.54
N LYS B 276 24.03 19.48 -8.30
CA LYS B 276 22.83 19.95 -7.64
C LYS B 276 22.78 21.49 -7.65
N LEU B 277 23.89 22.10 -7.24
CA LEU B 277 24.04 23.56 -7.18
C LEU B 277 23.79 24.19 -8.54
N LYS B 278 24.37 23.59 -9.57
CA LYS B 278 24.18 24.10 -10.92
C LYS B 278 22.71 24.29 -11.28
N LEU B 279 21.87 23.31 -10.90
CA LEU B 279 20.46 23.42 -11.24
C LEU B 279 19.84 24.53 -10.42
N ILE B 280 20.20 24.59 -9.14
CA ILE B 280 19.67 25.65 -8.31
C ILE B 280 20.14 26.98 -8.91
N GLN B 281 21.40 27.06 -9.35
CA GLN B 281 21.85 28.32 -9.92
C GLN B 281 21.01 28.64 -11.17
N ILE B 282 20.66 27.63 -11.97
CA ILE B 282 19.80 27.89 -13.12
C ILE B 282 18.50 28.48 -12.59
N LEU B 283 18.04 27.91 -11.47
CA LEU B 283 16.80 28.35 -10.87
C LEU B 283 16.80 29.75 -10.23
N GLU B 284 17.96 30.22 -9.80
CA GLU B 284 17.99 31.52 -9.18
C GLU B 284 18.23 32.60 -10.24
N PHE B 285 19.33 32.46 -10.97
CA PHE B 285 19.73 33.42 -12.01
C PHE B 285 19.00 33.37 -13.35
N ASP B 286 18.50 32.23 -13.78
CA ASP B 286 17.83 32.14 -15.09
C ASP B 286 16.31 32.32 -15.15
N THR B 287 15.59 31.53 -14.37
CA THR B 287 14.14 31.59 -14.35
C THR B 287 13.66 32.32 -13.10
N ASN B 288 14.54 32.48 -12.13
CA ASN B 288 14.20 33.10 -10.84
C ASN B 288 13.09 32.36 -10.08
N SER B 289 12.86 31.10 -10.46
CA SER B 289 11.81 30.26 -9.90
C SER B 289 11.72 30.17 -8.36
N LEU B 290 12.82 30.30 -7.62
CA LEU B 290 12.75 30.21 -6.16
C LEU B 290 12.05 31.46 -5.65
N ALA B 291 12.46 32.59 -6.19
CA ALA B 291 11.87 33.87 -5.86
C ALA B 291 10.39 33.80 -6.24
N TYR B 292 10.12 33.22 -7.40
CA TYR B 292 8.74 33.11 -7.87
C TYR B 292 7.88 32.28 -6.92
N THR B 293 8.51 31.26 -6.35
CA THR B 293 7.83 30.34 -5.48
C THR B 293 7.63 30.95 -4.10
N LYS B 294 8.63 31.68 -3.62
CA LYS B 294 8.52 32.32 -2.30
C LYS B 294 7.36 33.30 -2.35
N ASN B 295 7.23 33.94 -3.49
CA ASN B 295 6.16 34.87 -3.70
C ASN B 295 4.81 34.17 -3.75
N PHE B 296 4.70 33.14 -4.57
CA PHE B 296 3.43 32.42 -4.74
C PHE B 296 2.88 31.94 -3.37
N ILE B 297 3.77 31.47 -2.50
CA ILE B 297 3.40 30.98 -1.19
C ILE B 297 2.89 32.18 -0.36
N ASN B 298 3.59 33.31 -0.46
CA ASN B 298 3.19 34.47 0.32
C ASN B 298 1.79 34.86 -0.03
N GLN B 299 1.44 34.78 -1.29
CA GLN B 299 0.10 35.16 -1.65
C GLN B 299 -0.94 34.17 -1.16
N LEU B 300 -0.62 32.87 -1.18
CA LEU B 300 -1.59 31.88 -0.71
C LEU B 300 -1.82 32.14 0.77
N VAL B 301 -0.74 32.46 1.47
CA VAL B 301 -0.82 32.77 2.89
C VAL B 301 -1.67 34.04 3.11
N ASN B 302 -1.52 35.06 2.26
CA ASN B 302 -2.33 36.27 2.44
C ASN B 302 -3.82 35.96 2.23
N MET B 303 -4.13 35.01 1.37
CA MET B 303 -5.52 34.70 1.15
C MET B 303 -6.21 34.28 2.44
N ILE B 304 -5.42 33.97 3.46
CA ILE B 304 -5.97 33.53 4.74
C ILE B 304 -5.74 34.65 5.77
N LYS B 305 -4.70 35.43 5.57
CA LYS B 305 -4.40 36.52 6.47
C LYS B 305 -5.40 37.68 6.30
N ASN B 306 -5.61 38.10 5.06
CA ASN B 306 -6.52 39.18 4.77
C ASN B 306 -7.94 38.66 4.58
N ASP B 307 -8.29 37.61 5.33
CA ASP B 307 -9.64 37.05 5.28
C ASP B 307 -10.40 37.70 6.45
N ASN B 308 -10.97 38.86 6.15
CA ASN B 308 -11.71 39.69 7.10
C ASN B 308 -13.16 39.25 7.22
N GLU B 309 -13.73 38.83 6.10
CA GLU B 309 -15.11 38.38 6.08
C GLU B 309 -15.13 36.87 6.28
N ASN B 310 -14.14 36.37 7.02
CA ASN B 310 -13.98 34.95 7.30
C ASN B 310 -14.62 34.08 6.24
N LYS B 311 -14.25 34.30 4.99
CA LYS B 311 -14.82 33.49 3.93
C LYS B 311 -14.26 32.06 4.02
N TYR B 312 -12.99 31.96 4.41
CA TYR B 312 -12.26 30.69 4.54
C TYR B 312 -12.07 30.28 5.98
N LEU B 313 -11.69 31.25 6.80
CA LEU B 313 -11.49 31.02 8.21
C LEU B 313 -12.84 30.69 8.83
N PRO B 314 -12.82 30.10 10.03
CA PRO B 314 -14.13 29.79 10.61
C PRO B 314 -14.83 31.06 11.04
N GLU B 329 -5.21 31.48 16.21
CA GLU B 329 -4.19 30.39 16.32
C GLU B 329 -3.89 29.79 14.97
N LEU B 330 -4.81 29.94 14.03
CA LEU B 330 -4.60 29.40 12.71
C LEU B 330 -3.45 30.12 12.02
N LEU B 331 -3.22 31.39 12.35
CA LEU B 331 -2.10 32.13 11.74
C LEU B 331 -0.81 31.43 12.16
N TYR B 332 -0.81 30.99 13.43
CA TYR B 332 0.33 30.29 14.01
C TYR B 332 0.62 28.95 13.31
N ILE B 333 -0.39 28.10 13.16
CA ILE B 333 -0.18 26.81 12.49
C ILE B 333 0.35 27.06 11.08
N ILE B 334 -0.34 27.91 10.33
CA ILE B 334 0.04 28.26 8.97
C ILE B 334 1.53 28.59 8.80
N ASP B 335 2.17 29.14 9.83
CA ASP B 335 3.58 29.49 9.72
C ASP B 335 4.53 28.37 10.09
N HIS B 336 4.07 27.46 10.95
CA HIS B 336 4.87 26.31 11.37
C HIS B 336 4.32 25.07 10.64
N LEU B 337 3.57 25.32 9.58
CA LEU B 337 2.92 24.30 8.77
C LEU B 337 3.88 23.24 8.26
N SER B 338 5.12 23.63 8.01
CA SER B 338 6.13 22.73 7.49
C SER B 338 6.47 21.53 8.34
N GLU B 339 5.84 21.43 9.51
CA GLU B 339 6.12 20.31 10.41
C GLU B 339 4.89 19.53 10.88
N LEU B 340 3.98 19.25 9.94
CA LEU B 340 2.76 18.50 10.19
C LEU B 340 3.04 17.04 9.86
MG MG C . 4.83 -14.29 -1.71
MG MG D . 5.33 -14.61 -4.97
C1 GPP E . 1.18 -14.90 -3.23
O1 GPP E . 1.98 -15.79 -2.42
C2 GPP E . 0.44 -14.06 -2.40
C3 GPP E . -0.92 -13.80 -2.42
C4 GPP E . -1.84 -14.50 -3.43
C5 GPP E . -1.53 -12.82 -1.40
C6 GPP E . -0.45 -11.81 -1.00
C7 GPP E . -0.85 -10.98 0.05
C8 GPP E . -0.58 -9.61 0.17
C9 GPP E . -1.10 -8.87 1.41
C10 GPP E . 0.18 -8.85 -0.91
PA GPP E . 3.22 -16.62 -3.02
O1A GPP E . 4.38 -15.57 -3.43
O2A GPP E . 3.65 -17.61 -2.01
O3A GPP E . 2.68 -17.32 -4.36
PB GPP E . 3.14 -16.94 -5.86
O1B GPP E . 3.78 -18.29 -6.46
O2B GPP E . 1.73 -16.71 -6.62
O3B GPP E . 4.07 -15.81 -6.00
MG MG F . 8.63 11.84 -0.89
MG MG G . 6.70 11.45 -3.04
C1 GPP H . 4.80 12.52 0.40
O1 GPP H . 5.57 12.75 -0.79
C2 GPP H . 3.59 11.90 0.08
C3 GPP H . 2.39 11.90 0.78
C4 GPP H . 2.23 12.62 2.11
C5 GPP H . 1.22 11.11 0.18
C6 GPP H . 1.72 9.74 -0.27
C7 GPP H . 0.76 8.98 -0.91
C8 GPP H . 0.74 7.59 -1.03
C9 GPP H . -0.41 6.91 -1.77
C10 GPP H . 1.85 6.75 -0.38
PA GPP H . 6.06 14.24 -1.11
O1A GPP H . 6.13 14.46 -2.70
O2A GPP H . 5.15 15.22 -0.47
O3A GPP H . 7.57 14.39 -0.58
PB GPP H . 8.03 14.18 0.95
O1B GPP H . 8.86 15.49 1.34
O2B GPP H . 6.72 14.18 1.90
O3B GPP H . 8.84 12.94 1.07
#